data_3P4L
#
_entry.id   3P4L
#
_cell.length_a   52.581
_cell.length_b   112.921
_cell.length_c   80.858
_cell.angle_alpha   90.00
_cell.angle_beta   90.00
_cell.angle_gamma   90.00
#
_symmetry.space_group_name_H-M   'C 2 2 21'
#
loop_
_entity.id
_entity.type
_entity.pdbx_description
1 polymer Neogenin
2 water water
#
_entity_poly.entity_id   1
_entity_poly.type   'polypeptide(L)'
_entity_poly.pdbx_seq_one_letter_code
;ADLPMMPPVGVQASILSHDTIRITWADNSLPKHQKITDSRYYTVRWKTNIPANTKYKNANATTLSYLVTGLKPNTLYEFS
VMVTKGRRSSTWSMTAHGTTFELVPTSPPKDVTVVSKEGKPKTIIVNWQPPSEANGKITGYIIYYSTDVNAEIHDWVIEP
VVGNRLTHQIQELTLDTPYYFKIQARNSKGMGPMSEAVQFRTPKAHHHHHH
;
_entity_poly.pdbx_strand_id   A
#
# COMPACT_ATOMS: atom_id res chain seq x y z
N LEU A 3 38.63 20.08 -1.10
CA LEU A 3 38.59 18.96 -2.09
C LEU A 3 37.32 18.13 -1.94
N PRO A 4 36.70 17.76 -3.07
CA PRO A 4 35.48 16.97 -3.04
C PRO A 4 35.74 15.47 -2.83
N MET A 5 34.90 14.85 -2.02
CA MET A 5 35.01 13.42 -1.79
C MET A 5 34.27 12.68 -2.91
N MET A 6 34.69 11.44 -3.16
CA MET A 6 34.07 10.61 -4.18
C MET A 6 32.65 10.28 -3.75
N PRO A 7 31.66 10.45 -4.62
CA PRO A 7 30.34 10.09 -4.11
C PRO A 7 30.19 8.56 -4.07
N PRO A 8 29.31 8.05 -3.19
CA PRO A 8 29.11 6.60 -3.14
C PRO A 8 28.63 6.08 -4.49
N VAL A 9 28.93 4.82 -4.79
CA VAL A 9 28.48 4.21 -6.04
C VAL A 9 27.83 2.85 -5.75
N GLY A 10 27.26 2.22 -6.77
CA GLY A 10 26.64 0.92 -6.61
C GLY A 10 25.51 0.85 -5.60
N VAL A 11 24.75 1.93 -5.48
CA VAL A 11 23.66 1.96 -4.52
C VAL A 11 22.57 0.99 -4.95
N GLN A 12 22.15 0.15 -4.02
CA GLN A 12 21.10 -0.83 -4.32
C GLN A 12 20.04 -0.83 -3.25
N ALA A 13 18.81 -1.10 -3.68
CA ALA A 13 17.66 -1.17 -2.80
C ALA A 13 17.12 -2.59 -2.77
N SER A 14 17.23 -3.25 -1.63
CA SER A 14 16.74 -4.59 -1.44
C SER A 14 15.41 -4.56 -0.69
N ILE A 15 14.34 -5.03 -1.34
CA ILE A 15 13.02 -5.00 -0.69
C ILE A 15 12.86 -6.15 0.27
N LEU A 16 12.60 -5.84 1.54
CA LEU A 16 12.43 -6.90 2.53
C LEU A 16 10.96 -7.14 2.89
N SER A 17 10.11 -6.14 2.76
CA SER A 17 8.70 -6.34 3.10
C SER A 17 7.86 -5.23 2.52
N HIS A 18 6.62 -5.11 3.01
CA HIS A 18 5.74 -4.04 2.55
C HIS A 18 6.13 -2.70 3.19
N ASP A 19 7.04 -2.70 4.16
CA ASP A 19 7.40 -1.43 4.80
C ASP A 19 8.90 -1.25 5.08
N THR A 20 9.72 -2.17 4.56
CA THR A 20 11.16 -2.14 4.85
C THR A 20 11.98 -2.38 3.60
N ILE A 21 12.96 -1.51 3.40
CA ILE A 21 13.90 -1.65 2.27
C ILE A 21 15.30 -1.43 2.81
N ARG A 22 16.23 -2.31 2.48
CA ARG A 22 17.61 -2.15 2.95
C ARG A 22 18.43 -1.52 1.85
N ILE A 23 19.16 -0.47 2.13
CA ILE A 23 19.99 0.21 1.12
C ILE A 23 21.46 -0.13 1.32
N THR A 24 22.19 -0.41 0.25
CA THR A 24 23.62 -0.72 0.37
C THR A 24 24.36 0.04 -0.70
N TRP A 25 25.66 0.23 -0.51
CA TRP A 25 26.45 0.94 -1.51
C TRP A 25 27.92 0.66 -1.29
N ALA A 26 28.74 1.19 -2.19
CA ALA A 26 30.19 1.05 -2.13
C ALA A 26 30.84 2.44 -2.01
N ASP A 27 32.01 2.50 -1.36
CA ASP A 27 32.71 3.77 -1.26
C ASP A 27 34.08 3.44 -1.85
N ASN A 28 34.30 3.86 -3.10
CA ASN A 28 35.55 3.55 -3.79
C ASN A 28 36.77 4.25 -3.23
N SER A 29 36.58 5.15 -2.26
CA SER A 29 37.74 5.78 -1.66
C SER A 29 38.28 4.84 -0.57
N LEU A 30 37.53 3.79 -0.24
CA LEU A 30 38.01 2.80 0.75
C LEU A 30 38.67 1.65 -0.01
N PRO A 31 39.45 0.81 0.69
CA PRO A 31 40.09 -0.33 0.02
C PRO A 31 39.00 -1.29 -0.37
N LYS A 32 39.34 -2.30 -1.17
CA LYS A 32 38.34 -3.28 -1.59
C LYS A 32 37.67 -4.01 -0.43
N HIS A 33 38.32 -4.12 0.72
CA HIS A 33 37.68 -4.80 1.86
C HIS A 33 36.55 -3.96 2.44
N GLN A 34 36.49 -2.71 2.00
CA GLN A 34 35.44 -1.76 2.42
C GLN A 34 35.32 -1.47 3.91
N LYS A 35 36.42 -1.61 4.65
CA LYS A 35 36.35 -1.28 6.07
C LYS A 35 36.69 0.19 6.26
N ILE A 36 35.98 0.82 7.18
CA ILE A 36 36.15 2.24 7.50
C ILE A 36 37.08 2.38 8.71
N THR A 37 38.10 3.22 8.58
CA THR A 37 39.06 3.47 9.64
C THR A 37 39.18 4.96 9.97
N ASP A 38 38.19 5.74 9.57
CA ASP A 38 38.18 7.17 9.90
C ASP A 38 36.79 7.59 10.35
N SER A 39 36.59 8.88 10.54
CA SER A 39 35.32 9.38 11.05
C SER A 39 34.25 9.72 10.02
N ARG A 40 34.44 9.30 8.79
CA ARG A 40 33.43 9.60 7.77
C ARG A 40 32.06 8.99 8.11
N TYR A 41 31.00 9.56 7.56
CA TYR A 41 29.66 9.04 7.74
C TYR A 41 28.87 9.34 6.49
N TYR A 42 27.99 8.41 6.14
CA TYR A 42 27.15 8.54 4.99
C TYR A 42 25.81 9.09 5.40
N THR A 43 25.13 9.71 4.45
CA THR A 43 23.76 10.18 4.70
C THR A 43 22.96 9.58 3.56
N VAL A 44 21.83 8.98 3.91
CA VAL A 44 20.94 8.35 2.94
C VAL A 44 19.69 9.20 2.89
N ARG A 45 19.21 9.49 1.68
CA ARG A 45 17.98 10.28 1.58
C ARG A 45 16.99 9.50 0.73
N TRP A 46 15.70 9.67 1.02
CA TRP A 46 14.69 8.96 0.23
C TRP A 46 13.37 9.72 0.18
N LYS A 47 12.59 9.45 -0.86
CA LYS A 47 11.29 10.06 -0.99
C LYS A 47 10.50 9.33 -2.04
N THR A 48 9.22 9.63 -2.10
CA THR A 48 8.35 9.05 -3.11
C THR A 48 8.41 10.02 -4.29
N ASN A 49 8.19 9.53 -5.51
CA ASN A 49 8.19 10.42 -6.68
C ASN A 49 6.73 10.81 -6.92
N ILE A 50 5.92 10.59 -5.89
CA ILE A 50 4.50 10.89 -5.87
C ILE A 50 4.24 12.36 -6.17
N THR A 54 7.19 16.58 -2.81
CA THR A 54 7.55 15.64 -1.76
C THR A 54 8.98 15.86 -1.32
N LYS A 55 9.20 16.05 -0.02
CA LYS A 55 10.55 16.28 0.48
C LYS A 55 11.22 14.98 0.95
N TYR A 56 12.54 15.02 1.09
CA TYR A 56 13.32 13.85 1.50
C TYR A 56 13.30 13.57 2.99
N LYS A 57 13.47 12.31 3.32
CA LYS A 57 13.62 11.87 4.69
C LYS A 57 15.10 11.52 4.63
N ASN A 58 15.80 11.54 5.75
CA ASN A 58 17.19 11.13 5.69
C ASN A 58 17.65 10.52 6.99
N ALA A 59 18.82 9.90 6.97
CA ALA A 59 19.36 9.28 8.17
C ALA A 59 20.85 9.12 7.89
N ASN A 60 21.64 9.02 8.95
CA ASN A 60 23.09 8.88 8.76
C ASN A 60 23.52 7.46 9.07
N ALA A 61 24.70 7.07 8.59
CA ALA A 61 25.19 5.71 8.89
C ALA A 61 26.71 5.66 8.83
N THR A 62 27.32 4.86 9.71
CA THR A 62 28.77 4.72 9.64
C THR A 62 29.06 3.29 9.15
N THR A 63 28.06 2.71 8.50
CA THR A 63 28.12 1.38 7.86
C THR A 63 27.78 1.66 6.41
N LEU A 64 28.15 0.73 5.52
CA LEU A 64 27.88 0.87 4.10
C LEU A 64 26.53 0.23 3.75
N SER A 65 25.58 0.47 4.64
CA SER A 65 24.21 -0.02 4.49
C SER A 65 23.33 0.76 5.46
N TYR A 66 22.04 0.82 5.14
CA TYR A 66 21.09 1.49 5.99
C TYR A 66 19.73 0.79 5.83
N LEU A 67 19.08 0.49 6.95
CA LEU A 67 17.77 -0.17 6.89
C LEU A 67 16.67 0.86 7.03
N VAL A 68 15.86 1.05 5.98
CA VAL A 68 14.76 2.01 6.03
C VAL A 68 13.47 1.24 6.40
N THR A 69 12.86 1.60 7.52
CA THR A 69 11.64 0.96 7.99
C THR A 69 10.52 2.01 8.01
N GLY A 70 9.30 1.57 8.30
CA GLY A 70 8.17 2.49 8.36
C GLY A 70 7.70 3.04 7.01
N LEU A 71 7.93 2.30 5.93
CA LEU A 71 7.48 2.80 4.63
C LEU A 71 6.05 2.33 4.40
N LYS A 72 5.44 2.81 3.32
CA LYS A 72 4.07 2.46 2.97
C LYS A 72 4.08 1.35 1.94
N PRO A 73 3.09 0.43 2.00
CA PRO A 73 2.99 -0.70 1.05
C PRO A 73 2.82 -0.23 -0.37
N ASN A 74 3.27 -1.07 -1.30
CA ASN A 74 3.14 -0.83 -2.72
C ASN A 74 3.52 0.58 -3.14
N THR A 75 4.64 1.07 -2.63
CA THR A 75 5.07 2.43 -2.92
C THR A 75 6.49 2.50 -3.44
N LEU A 76 6.68 3.28 -4.51
CA LEU A 76 7.98 3.46 -5.13
C LEU A 76 8.77 4.56 -4.47
N TYR A 77 9.98 4.24 -4.00
CA TYR A 77 10.84 5.23 -3.38
C TYR A 77 12.14 5.40 -4.17
N GLU A 78 12.71 6.61 -4.14
CA GLU A 78 13.96 6.95 -4.82
C GLU A 78 14.99 7.13 -3.69
N PHE A 79 16.13 6.41 -3.74
CA PHE A 79 17.18 6.48 -2.72
C PHE A 79 18.53 6.94 -3.27
N SER A 80 19.25 7.75 -2.50
CA SER A 80 20.59 8.18 -2.90
C SER A 80 21.45 8.41 -1.65
N VAL A 81 22.76 8.42 -1.83
CA VAL A 81 23.67 8.49 -0.68
C VAL A 81 24.84 9.43 -0.89
N MET A 82 25.28 10.09 0.17
CA MET A 82 26.46 10.93 0.10
C MET A 82 27.37 10.58 1.26
N VAL A 83 28.58 11.14 1.25
CA VAL A 83 29.53 10.90 2.33
C VAL A 83 30.07 12.24 2.83
N THR A 84 30.39 12.28 4.10
CA THR A 84 30.91 13.48 4.74
C THR A 84 32.05 13.04 5.64
N LYS A 85 33.10 13.85 5.71
CA LYS A 85 34.19 13.62 6.64
C LYS A 85 34.80 14.96 6.99
N GLY A 86 34.60 15.39 8.24
CA GLY A 86 35.11 16.69 8.64
C GLY A 86 34.46 17.76 7.80
N ARG A 87 35.24 18.67 7.20
CA ARG A 87 34.64 19.72 6.39
C ARG A 87 34.45 19.38 4.93
N ARG A 88 34.77 18.14 4.56
CA ARG A 88 34.60 17.71 3.17
C ARG A 88 33.38 16.81 3.02
N SER A 89 32.85 16.73 1.80
CA SER A 89 31.69 15.88 1.53
C SER A 89 31.62 15.62 0.03
N SER A 90 30.70 14.76 -0.37
CA SER A 90 30.53 14.42 -1.78
C SER A 90 29.14 14.85 -2.20
N THR A 91 28.94 14.86 -3.51
CA THR A 91 27.64 15.15 -4.08
C THR A 91 26.85 13.88 -3.81
N TRP A 92 25.57 13.90 -4.17
CA TRP A 92 24.74 12.73 -3.95
C TRP A 92 24.98 11.69 -5.04
N SER A 93 24.90 10.43 -4.65
CA SER A 93 25.08 9.32 -5.58
C SER A 93 23.96 9.25 -6.61
N MET A 94 24.15 8.40 -7.60
CA MET A 94 23.10 8.18 -8.58
C MET A 94 21.99 7.52 -7.76
N THR A 95 20.75 7.74 -8.15
CA THR A 95 19.64 7.15 -7.42
C THR A 95 19.42 5.66 -7.68
N ALA A 96 18.74 5.02 -6.74
CA ALA A 96 18.37 3.62 -6.88
C ALA A 96 16.89 3.66 -6.50
N HIS A 97 16.06 2.87 -7.18
CA HIS A 97 14.63 2.84 -6.85
C HIS A 97 14.26 1.53 -6.17
N GLY A 98 13.28 1.60 -5.28
CA GLY A 98 12.83 0.40 -4.62
C GLY A 98 11.35 0.56 -4.37
N THR A 99 10.58 -0.47 -4.69
CA THR A 99 9.14 -0.43 -4.46
C THR A 99 8.76 -1.48 -3.42
N THR A 100 8.14 -1.06 -2.33
CA THR A 100 7.73 -1.99 -1.28
C THR A 100 6.67 -2.99 -1.78
N PHE A 101 6.64 -4.14 -1.15
CA PHE A 101 5.69 -5.18 -1.50
C PHE A 101 4.27 -4.72 -1.18
N GLU A 102 3.30 -5.43 -1.72
CA GLU A 102 1.89 -5.14 -1.40
C GLU A 102 1.63 -5.78 -0.05
N LEU A 103 0.51 -5.41 0.57
CA LEU A 103 0.08 -5.99 1.84
C LEU A 103 -1.44 -6.13 1.64
N VAL A 104 -2.10 -7.04 2.37
CA VAL A 104 -3.56 -7.15 2.21
C VAL A 104 -4.15 -5.76 2.53
N PRO A 105 -5.32 -5.42 1.94
CA PRO A 105 -5.85 -4.10 2.29
C PRO A 105 -6.09 -4.06 3.81
N THR A 106 -5.92 -2.88 4.43
CA THR A 106 -6.14 -2.78 5.87
C THR A 106 -7.24 -1.80 6.22
N SER A 107 -8.09 -1.48 5.25
CA SER A 107 -9.23 -0.60 5.51
C SER A 107 -10.33 -1.05 4.57
N PRO A 108 -11.57 -0.68 4.87
CA PRO A 108 -12.70 -1.09 4.04
C PRO A 108 -13.10 -0.19 2.89
N PRO A 109 -13.86 -0.75 1.94
CA PRO A 109 -14.33 0.05 0.82
C PRO A 109 -15.07 1.16 1.55
N LYS A 110 -15.06 2.36 0.96
CA LYS A 110 -15.66 3.54 1.58
C LYS A 110 -17.00 3.98 1.03
N ASP A 111 -17.74 4.70 1.86
CA ASP A 111 -19.01 5.31 1.49
C ASP A 111 -19.93 4.41 0.68
N VAL A 112 -20.27 3.28 1.30
CA VAL A 112 -21.13 2.30 0.66
C VAL A 112 -22.57 2.76 0.67
N THR A 113 -23.24 2.68 -0.47
CA THR A 113 -24.65 3.03 -0.53
C THR A 113 -25.38 1.94 -1.31
N VAL A 114 -26.67 1.83 -1.04
CA VAL A 114 -27.53 0.86 -1.71
C VAL A 114 -28.82 1.57 -2.07
N VAL A 115 -29.25 1.43 -3.33
CA VAL A 115 -30.52 2.03 -3.77
C VAL A 115 -31.26 1.06 -4.69
N SER A 116 -32.54 1.32 -4.92
CA SER A 116 -33.31 0.45 -5.80
C SER A 116 -32.98 0.80 -7.23
N LYS A 117 -33.08 -0.19 -8.12
CA LYS A 117 -32.87 0.07 -9.54
C LYS A 117 -34.25 0.57 -10.00
N GLU A 118 -34.29 1.70 -10.69
CA GLU A 118 -35.57 2.23 -11.14
C GLU A 118 -36.31 1.27 -12.04
N GLY A 119 -37.57 0.98 -11.70
CA GLY A 119 -38.35 0.09 -12.52
C GLY A 119 -38.10 -1.39 -12.31
N LYS A 120 -37.17 -1.71 -11.42
CA LYS A 120 -36.85 -3.09 -11.11
C LYS A 120 -36.75 -3.18 -9.60
N PRO A 121 -37.90 -3.23 -8.91
CA PRO A 121 -38.00 -3.29 -7.46
C PRO A 121 -37.30 -4.43 -6.73
N LYS A 122 -37.04 -5.53 -7.42
CA LYS A 122 -36.34 -6.64 -6.77
C LYS A 122 -34.83 -6.52 -6.95
N THR A 123 -34.42 -5.44 -7.62
CA THR A 123 -33.00 -5.21 -7.91
C THR A 123 -32.46 -3.99 -7.22
N ILE A 124 -31.24 -4.11 -6.71
CA ILE A 124 -30.61 -2.97 -6.07
C ILE A 124 -29.27 -2.71 -6.73
N ILE A 125 -28.77 -1.50 -6.52
CA ILE A 125 -27.47 -1.07 -7.05
C ILE A 125 -26.60 -0.65 -5.88
N VAL A 126 -25.46 -1.30 -5.72
CA VAL A 126 -24.54 -1.00 -4.65
C VAL A 126 -23.42 -0.13 -5.23
N ASN A 127 -23.01 0.91 -4.51
CA ASN A 127 -21.93 1.79 -4.98
C ASN A 127 -20.96 1.97 -3.82
N TRP A 128 -19.69 2.19 -4.14
CA TRP A 128 -18.70 2.42 -3.08
C TRP A 128 -17.46 3.07 -3.67
N GLN A 129 -16.49 3.35 -2.80
CA GLN A 129 -15.21 3.93 -3.21
C GLN A 129 -14.11 3.00 -2.70
N PRO A 130 -12.92 3.06 -3.32
CA PRO A 130 -11.82 2.19 -2.90
C PRO A 130 -11.36 2.44 -1.49
N PRO A 131 -10.83 1.41 -0.85
CA PRO A 131 -10.36 1.60 0.51
C PRO A 131 -9.16 2.56 0.50
N SER A 132 -9.02 3.37 1.54
CA SER A 132 -7.88 4.30 1.66
C SER A 132 -6.56 3.52 1.75
N GLU A 133 -6.58 2.45 2.52
CA GLU A 133 -5.40 1.61 2.68
C GLU A 133 -5.53 0.38 1.78
N ALA A 134 -5.57 0.60 0.47
CA ALA A 134 -5.67 -0.52 -0.49
C ALA A 134 -4.43 -1.42 -0.41
N ASN A 135 -3.27 -0.78 -0.19
CA ASN A 135 -1.97 -1.42 -0.02
C ASN A 135 -1.50 -2.28 -1.19
N GLY A 136 -2.11 -2.09 -2.35
CA GLY A 136 -1.76 -2.88 -3.54
C GLY A 136 -2.83 -2.62 -4.59
N LYS A 137 -2.63 -3.15 -5.79
CA LYS A 137 -3.60 -2.97 -6.87
C LYS A 137 -4.87 -3.72 -6.51
N ILE A 138 -5.99 -3.02 -6.43
CA ILE A 138 -7.25 -3.72 -6.12
C ILE A 138 -7.65 -4.60 -7.29
N THR A 139 -7.99 -5.85 -7.03
CA THR A 139 -8.33 -6.78 -8.11
C THR A 139 -9.82 -7.12 -8.12
N GLY A 140 -10.55 -6.72 -7.09
CA GLY A 140 -11.96 -7.00 -7.04
C GLY A 140 -12.53 -6.72 -5.65
N TYR A 141 -13.81 -7.00 -5.48
CA TYR A 141 -14.45 -6.83 -4.19
C TYR A 141 -15.38 -8.01 -3.98
N ILE A 142 -15.80 -8.22 -2.73
CA ILE A 142 -16.81 -9.23 -2.47
C ILE A 142 -17.89 -8.55 -1.67
N ILE A 143 -19.13 -8.64 -2.16
CA ILE A 143 -20.29 -8.05 -1.45
C ILE A 143 -21.00 -9.20 -0.77
N TYR A 144 -21.44 -8.96 0.47
CA TYR A 144 -22.17 -9.96 1.25
C TYR A 144 -23.49 -9.33 1.66
N TYR A 145 -24.59 -10.08 1.60
CA TYR A 145 -25.85 -9.51 2.03
C TYR A 145 -26.69 -10.56 2.79
N SER A 146 -27.56 -10.08 3.66
CA SER A 146 -28.37 -10.96 4.48
C SER A 146 -29.62 -10.25 4.97
N THR A 147 -30.62 -11.04 5.38
CA THR A 147 -31.85 -10.45 5.90
C THR A 147 -31.73 -10.46 7.42
N ASP A 148 -30.63 -11.01 7.91
CA ASP A 148 -30.37 -11.10 9.35
C ASP A 148 -28.99 -10.56 9.68
N VAL A 149 -28.92 -9.34 10.22
CA VAL A 149 -27.64 -8.73 10.55
C VAL A 149 -26.71 -9.54 11.42
N ASN A 150 -27.29 -10.37 12.28
CA ASN A 150 -26.47 -11.15 13.19
C ASN A 150 -26.04 -12.49 12.65
N ALA A 151 -26.46 -12.82 11.44
CA ALA A 151 -26.07 -14.08 10.86
C ALA A 151 -24.56 -14.16 10.77
N GLU A 152 -24.02 -15.36 11.02
CA GLU A 152 -22.59 -15.60 10.92
C GLU A 152 -22.27 -15.43 9.44
N ILE A 153 -21.03 -15.10 9.15
CA ILE A 153 -20.66 -14.82 7.77
C ILE A 153 -20.94 -15.89 6.72
N HIS A 154 -20.73 -17.16 7.06
CA HIS A 154 -20.98 -18.23 6.11
C HIS A 154 -22.44 -18.31 5.68
N ASP A 155 -23.31 -17.61 6.39
CA ASP A 155 -24.73 -17.62 6.06
C ASP A 155 -25.19 -16.41 5.23
N TRP A 156 -24.30 -15.43 5.02
CA TRP A 156 -24.65 -14.26 4.18
C TRP A 156 -24.49 -14.73 2.74
N VAL A 157 -25.19 -14.08 1.81
CA VAL A 157 -25.11 -14.45 0.40
C VAL A 157 -23.93 -13.72 -0.22
N ILE A 158 -23.17 -14.42 -1.06
CA ILE A 158 -21.98 -13.83 -1.66
C ILE A 158 -22.15 -13.37 -3.08
N GLU A 159 -21.73 -12.12 -3.34
CA GLU A 159 -21.77 -11.52 -4.68
C GLU A 159 -20.38 -10.96 -5.02
N PRO A 160 -19.56 -11.75 -5.73
CA PRO A 160 -18.23 -11.26 -6.09
C PRO A 160 -18.30 -10.23 -7.20
N VAL A 161 -17.38 -9.28 -7.16
CA VAL A 161 -17.25 -8.24 -8.18
C VAL A 161 -15.81 -8.34 -8.71
N VAL A 162 -15.66 -8.54 -10.01
CA VAL A 162 -14.32 -8.67 -10.63
C VAL A 162 -13.75 -7.33 -11.08
N GLY A 163 -12.49 -7.07 -10.75
CA GLY A 163 -11.85 -5.82 -11.15
C GLY A 163 -12.12 -4.71 -10.15
N ASN A 164 -11.46 -3.57 -10.31
CA ASN A 164 -11.68 -2.47 -9.38
C ASN A 164 -12.87 -1.62 -9.83
N ARG A 165 -14.03 -2.28 -9.92
CA ARG A 165 -15.29 -1.60 -10.29
C ARG A 165 -15.81 -1.00 -8.98
N LEU A 166 -16.64 0.02 -9.08
CA LEU A 166 -17.17 0.68 -7.88
C LEU A 166 -18.70 0.61 -7.80
N THR A 167 -19.30 -0.25 -8.61
CA THR A 167 -20.73 -0.45 -8.58
C THR A 167 -21.07 -1.89 -8.95
N HIS A 168 -22.20 -2.35 -8.45
CA HIS A 168 -22.64 -3.73 -8.73
C HIS A 168 -24.15 -3.82 -8.50
N GLN A 169 -24.83 -4.60 -9.33
CA GLN A 169 -26.28 -4.80 -9.19
C GLN A 169 -26.56 -6.20 -8.67
N ILE A 170 -27.56 -6.31 -7.80
CA ILE A 170 -27.95 -7.59 -7.23
C ILE A 170 -29.46 -7.75 -7.51
N GLN A 171 -29.82 -8.87 -8.12
CA GLN A 171 -31.20 -9.13 -8.52
C GLN A 171 -31.92 -10.12 -7.65
N GLU A 172 -33.21 -10.24 -7.94
CA GLU A 172 -34.09 -11.20 -7.30
C GLU A 172 -34.19 -11.17 -5.79
N LEU A 173 -34.19 -9.96 -5.25
CA LEU A 173 -34.32 -9.79 -3.81
C LEU A 173 -35.82 -9.84 -3.50
N THR A 174 -36.15 -10.25 -2.27
CA THR A 174 -37.53 -10.30 -1.81
C THR A 174 -38.03 -8.87 -1.58
N LEU A 175 -39.26 -8.58 -1.97
CA LEU A 175 -39.79 -7.22 -1.81
C LEU A 175 -40.11 -6.86 -0.36
N ASP A 176 -40.24 -5.55 -0.08
CA ASP A 176 -40.57 -5.04 1.26
C ASP A 176 -39.78 -5.75 2.36
N THR A 177 -38.48 -5.92 2.14
CA THR A 177 -37.67 -6.64 3.12
C THR A 177 -36.39 -5.91 3.49
N PRO A 178 -36.06 -5.87 4.78
CA PRO A 178 -34.83 -5.19 5.18
C PRO A 178 -33.64 -6.11 4.89
N TYR A 179 -32.66 -5.56 4.17
CA TYR A 179 -31.45 -6.30 3.82
C TYR A 179 -30.25 -5.52 4.36
N TYR A 180 -29.16 -6.24 4.59
CA TYR A 180 -27.90 -5.66 5.11
C TYR A 180 -26.84 -6.00 4.11
N PHE A 181 -26.00 -5.03 3.78
CA PHE A 181 -24.93 -5.23 2.81
C PHE A 181 -23.57 -4.79 3.33
N LYS A 182 -22.55 -5.60 3.09
CA LYS A 182 -21.20 -5.22 3.49
C LYS A 182 -20.26 -5.63 2.39
N ILE A 183 -19.11 -4.98 2.33
CA ILE A 183 -18.17 -5.26 1.27
C ILE A 183 -16.73 -5.26 1.74
N GLN A 184 -15.90 -6.07 1.10
CA GLN A 184 -14.50 -6.09 1.42
C GLN A 184 -13.73 -6.03 0.10
N ALA A 185 -12.53 -5.46 0.14
CA ALA A 185 -11.70 -5.33 -1.06
C ALA A 185 -10.70 -6.46 -1.17
N ARG A 186 -10.24 -6.75 -2.39
CA ARG A 186 -9.24 -7.78 -2.59
C ARG A 186 -8.02 -7.26 -3.37
N ASN A 187 -6.84 -7.75 -3.03
CA ASN A 187 -5.65 -7.47 -3.82
C ASN A 187 -4.84 -8.79 -3.87
N SER A 188 -3.66 -8.77 -4.46
CA SER A 188 -2.89 -10.02 -4.62
C SER A 188 -2.60 -10.73 -3.32
N LYS A 189 -2.60 -9.98 -2.22
CA LYS A 189 -2.30 -10.55 -0.92
C LYS A 189 -3.49 -11.11 -0.15
N GLY A 190 -4.71 -10.90 -0.66
CA GLY A 190 -5.89 -11.41 0.04
C GLY A 190 -7.00 -10.40 0.26
N MET A 191 -7.91 -10.71 1.18
CA MET A 191 -9.07 -9.84 1.45
C MET A 191 -8.87 -8.86 2.58
N GLY A 192 -9.41 -7.67 2.42
CA GLY A 192 -9.29 -6.67 3.45
C GLY A 192 -10.49 -6.76 4.36
N PRO A 193 -10.62 -5.80 5.27
CA PRO A 193 -11.76 -5.82 6.19
C PRO A 193 -13.10 -5.45 5.55
N MET A 194 -14.18 -5.90 6.15
CA MET A 194 -15.54 -5.62 5.69
C MET A 194 -15.93 -4.22 6.12
N SER A 195 -16.73 -3.57 5.29
CA SER A 195 -17.25 -2.27 5.65
C SER A 195 -18.36 -2.57 6.66
N GLU A 196 -18.77 -1.56 7.41
CA GLU A 196 -19.88 -1.72 8.38
C GLU A 196 -21.15 -1.89 7.55
N ALA A 197 -21.98 -2.84 7.94
CA ALA A 197 -23.22 -3.11 7.18
C ALA A 197 -24.10 -1.90 6.95
N VAL A 198 -24.62 -1.81 5.73
CA VAL A 198 -25.55 -0.75 5.34
C VAL A 198 -26.90 -1.44 5.21
N GLN A 199 -27.91 -0.88 5.85
CA GLN A 199 -29.26 -1.47 5.81
C GLN A 199 -30.06 -0.79 4.73
N PHE A 200 -30.83 -1.57 3.99
CA PHE A 200 -31.68 -1.04 2.95
C PHE A 200 -32.92 -1.94 2.82
N ARG A 201 -34.08 -1.32 2.80
CA ARG A 201 -35.33 -2.06 2.67
C ARG A 201 -35.87 -1.98 1.24
N THR A 202 -36.06 -3.14 0.64
CA THR A 202 -36.57 -3.16 -0.71
C THR A 202 -37.98 -2.56 -0.73
N PRO A 203 -38.35 -1.91 -1.84
CA PRO A 203 -39.65 -1.27 -2.04
C PRO A 203 -40.80 -2.27 -2.27
#